data_3TW1
#
_entry.id   3TW1
#
_cell.length_a   82.517
_cell.length_b   91.845
_cell.length_c   34.824
_cell.angle_alpha   90.00
_cell.angle_beta   105.12
_cell.angle_gamma   90.00
#
_symmetry.space_group_name_H-M   'C 1 2 1'
#
loop_
_entity.id
_entity.type
_entity.pdbx_description
1 polymer 'Histone chaperone RTT106'
2 non-polymer N-[2-(1H-IMIDAZOL-4-YL)ETHYL]ACETAMIDE
3 non-polymer GLYCEROL
4 water water
#
_entity_poly.entity_id   1
_entity_poly.type   'polypeptide(L)'
_entity_poly.pdbx_seq_one_letter_code
;GH(MSE)SETNTIFKLEGVSVLSPLRKKLDLVFYLSNVDGSPVITLLKGNDRELSIYQLNKNIK(MSE)ASFLPVPEKPN
LIYLF(MSE)TYTSCEDNKFSEPVV(MSE)TLNKENTLNQFKKLGLLDSNVTDFEKCVEYIRKQAILTGFKISNPFVNST
LVDTDAEKINSFHLQCHRGTKEGTLYFLPDHIIFGFKKPILLLDASDIESITYSSITRLTFNASLVTKDGEKYEFS
(MSE)IDQTEYAKIDDYVKRK
;
_entity_poly.pdbx_strand_id   A
#
# COMPACT_ATOMS: atom_id res chain seq x y z
N THR A 6 12.54 4.57 -24.31
CA THR A 6 11.92 3.51 -23.51
C THR A 6 10.42 3.43 -23.79
N ASN A 7 9.79 2.37 -23.27
CA ASN A 7 8.38 2.13 -23.55
C ASN A 7 7.52 2.51 -22.34
N THR A 8 6.91 3.70 -22.40
CA THR A 8 6.04 4.18 -21.33
C THR A 8 4.68 3.50 -21.41
N ILE A 9 4.26 2.81 -20.33
CA ILE A 9 2.93 2.14 -20.33
C ILE A 9 1.81 3.08 -19.88
N PHE A 10 1.97 3.74 -18.73
CA PHE A 10 1.03 4.82 -18.35
C PHE A 10 1.67 5.79 -17.36
N LYS A 11 1.06 6.97 -17.26
CA LYS A 11 1.57 7.95 -16.32
C LYS A 11 0.39 8.60 -15.64
N LEU A 12 0.58 8.97 -14.38
CA LEU A 12 -0.42 9.74 -13.65
C LEU A 12 0.23 11.01 -13.15
N GLU A 13 -0.37 12.15 -13.47
N GLU A 13 -0.34 12.15 -13.47
CA GLU A 13 0.18 13.42 -13.02
CA GLU A 13 0.26 13.36 -12.96
C GLU A 13 -0.31 13.83 -11.62
C GLU A 13 -0.29 13.81 -11.61
N GLY A 14 0.55 14.52 -10.88
CA GLY A 14 0.17 15.10 -9.61
C GLY A 14 -0.41 14.12 -8.61
N VAL A 15 0.31 13.02 -8.40
N VAL A 15 0.26 12.99 -8.36
CA VAL A 15 -0.08 12.07 -7.38
CA VAL A 15 -0.23 12.11 -7.30
C VAL A 15 0.46 12.54 -6.04
C VAL A 15 0.39 12.55 -5.98
N SER A 16 -0.36 12.44 -5.01
N SER A 16 -0.38 12.44 -4.90
CA SER A 16 0.07 12.81 -3.67
CA SER A 16 0.08 12.86 -3.59
C SER A 16 0.87 11.68 -3.04
C SER A 16 0.86 11.74 -2.91
N VAL A 17 2.18 11.87 -2.94
CA VAL A 17 3.04 10.82 -2.35
C VAL A 17 3.25 11.17 -0.88
N LEU A 18 3.09 10.19 0.03
CA LEU A 18 3.20 10.43 1.48
C LEU A 18 4.49 9.88 2.04
N SER A 19 5.01 8.85 1.37
CA SER A 19 6.21 8.15 1.82
C SER A 19 6.83 7.56 0.56
N PRO A 20 8.16 7.48 0.48
CA PRO A 20 9.17 7.84 1.51
C PRO A 20 9.52 9.33 1.51
N LEU A 21 8.82 10.10 0.69
CA LEU A 21 8.88 11.56 0.78
C LEU A 21 7.47 12.10 0.61
N ARG A 22 7.25 13.32 1.05
CA ARG A 22 5.90 13.89 1.02
C ARG A 22 5.88 15.00 0.00
N LYS A 23 5.49 14.66 -1.24
CA LYS A 23 5.45 15.64 -2.32
C LYS A 23 4.42 15.20 -3.36
N LYS A 24 3.88 16.18 -4.09
CA LYS A 24 3.05 15.89 -5.24
C LYS A 24 4.01 15.63 -6.39
N LEU A 25 3.89 14.44 -7.01
CA LEU A 25 4.83 13.94 -7.99
C LEU A 25 4.09 13.26 -9.17
N ASP A 26 4.74 13.21 -10.31
CA ASP A 26 4.17 12.48 -11.45
C ASP A 26 4.66 11.06 -11.48
N LEU A 27 3.75 10.13 -11.64
CA LEU A 27 4.11 8.71 -11.61
C LEU A 27 4.25 8.22 -13.03
N VAL A 28 5.38 7.61 -13.37
CA VAL A 28 5.55 7.03 -14.73
C VAL A 28 5.84 5.55 -14.52
N PHE A 29 5.10 4.69 -15.21
CA PHE A 29 5.34 3.27 -15.22
C PHE A 29 5.81 2.91 -16.60
N TYR A 30 7.00 2.35 -16.74
CA TYR A 30 7.55 2.09 -18.07
C TYR A 30 8.39 0.84 -18.06
N LEU A 31 8.75 0.35 -19.25
CA LEU A 31 9.58 -0.86 -19.36
C LEU A 31 11.01 -0.48 -19.72
N SER A 32 11.96 -1.05 -19.01
CA SER A 32 13.36 -0.77 -19.33
C SER A 32 13.73 -1.02 -20.79
N ASN A 33 14.60 -0.15 -21.31
CA ASN A 33 15.24 -0.41 -22.60
C ASN A 33 16.05 -1.70 -22.61
N VAL A 34 16.75 -1.96 -21.52
CA VAL A 34 17.76 -3.02 -21.52
C VAL A 34 17.17 -4.42 -21.54
N ASP A 35 16.21 -4.72 -20.66
CA ASP A 35 15.73 -6.10 -20.56
C ASP A 35 14.22 -6.22 -20.48
N GLY A 36 13.50 -5.12 -20.66
CA GLY A 36 12.03 -5.16 -20.68
C GLY A 36 11.37 -5.19 -19.30
N SER A 37 12.16 -5.19 -18.23
CA SER A 37 11.62 -5.21 -16.87
CA SER A 37 11.60 -5.21 -16.88
C SER A 37 10.96 -3.89 -16.48
N PRO A 38 9.91 -3.96 -15.66
CA PRO A 38 9.16 -2.74 -15.38
C PRO A 38 9.87 -1.84 -14.38
N VAL A 39 9.58 -0.54 -14.49
CA VAL A 39 10.21 0.49 -13.66
C VAL A 39 9.09 1.46 -13.28
N ILE A 40 9.14 1.97 -12.07
CA ILE A 40 8.32 3.09 -11.70
CA ILE A 40 8.32 3.12 -11.74
C ILE A 40 9.24 4.24 -11.30
N THR A 41 8.97 5.43 -11.81
CA THR A 41 9.71 6.61 -11.35
CA THR A 41 9.69 6.62 -11.36
C THR A 41 8.68 7.70 -10.94
N LEU A 42 9.04 8.50 -9.94
CA LEU A 42 8.19 9.60 -9.46
C LEU A 42 8.98 10.84 -9.79
N LEU A 43 8.36 11.76 -10.54
CA LEU A 43 9.03 12.87 -11.15
C LEU A 43 8.51 14.20 -10.61
N LYS A 44 9.39 15.18 -10.50
CA LYS A 44 9.02 16.56 -10.27
C LYS A 44 9.71 17.34 -11.37
N GLY A 45 8.92 17.78 -12.35
CA GLY A 45 9.49 18.24 -13.61
C GLY A 45 10.14 17.07 -14.33
N ASN A 46 11.40 17.23 -14.71
CA ASN A 46 12.16 16.13 -15.30
C ASN A 46 13.13 15.48 -14.30
N ASP A 47 13.14 15.97 -13.06
CA ASP A 47 13.91 15.35 -11.97
C ASP A 47 13.28 14.08 -11.45
N ARG A 48 14.05 13.00 -11.40
CA ARG A 48 13.53 11.76 -10.81
C ARG A 48 13.78 11.85 -9.31
N GLU A 49 12.69 11.87 -8.53
CA GLU A 49 12.77 11.91 -7.06
C GLU A 49 12.91 10.53 -6.49
N LEU A 50 12.35 9.57 -7.19
CA LEU A 50 12.41 8.17 -6.72
CA LEU A 50 12.40 8.19 -6.72
C LEU A 50 12.28 7.28 -7.94
N SER A 51 13.11 6.25 -8.01
CA SER A 51 12.88 5.22 -9.06
C SER A 51 13.13 3.88 -8.48
N ILE A 52 12.29 2.91 -8.85
CA ILE A 52 12.53 1.53 -8.46
C ILE A 52 12.55 0.71 -9.76
N TYR A 53 13.66 0.03 -10.01
CA TYR A 53 13.84 -0.80 -11.20
C TYR A 53 13.41 -2.26 -10.99
N GLN A 54 13.33 -3.01 -12.09
CA GLN A 54 12.96 -4.43 -12.07
C GLN A 54 11.92 -4.74 -11.00
N LEU A 55 10.72 -4.16 -11.16
CA LEU A 55 9.66 -4.39 -10.19
C LEU A 55 9.31 -5.90 -10.02
N ASN A 56 9.51 -6.69 -11.06
CA ASN A 56 9.30 -8.13 -10.99
C ASN A 56 10.23 -8.83 -9.98
N LYS A 57 11.37 -8.20 -9.69
CA LYS A 57 12.29 -8.69 -8.65
C LYS A 57 12.27 -7.87 -7.36
N ASN A 58 12.07 -6.55 -7.47
CA ASN A 58 12.34 -5.66 -6.31
C ASN A 58 11.14 -5.21 -5.49
N ILE A 59 9.89 -5.40 -5.98
CA ILE A 59 8.72 -5.14 -5.16
C ILE A 59 8.47 -6.37 -4.30
N LYS A 60 8.49 -6.16 -2.98
CA LYS A 60 8.24 -7.25 -2.07
C LYS A 60 6.74 -7.47 -1.86
N ALA A 62 2.76 -5.25 -2.72
CA ALA A 62 2.13 -4.02 -3.18
C ALA A 62 0.63 -4.24 -3.08
N SER A 63 -0.08 -3.18 -2.70
CA SER A 63 -1.50 -3.36 -2.49
C SER A 63 -2.22 -2.04 -2.59
N PHE A 64 -3.46 -2.08 -3.07
CA PHE A 64 -4.35 -0.93 -2.88
C PHE A 64 -5.01 -1.06 -1.51
N LEU A 65 -5.13 0.04 -0.77
CA LEU A 65 -5.72 -0.01 0.54
C LEU A 65 -6.65 1.18 0.73
N PRO A 66 -7.75 0.95 1.47
CA PRO A 66 -8.68 2.07 1.67
C PRO A 66 -8.06 3.16 2.58
N VAL A 67 -8.51 4.38 2.37
CA VAL A 67 -8.20 5.52 3.24
C VAL A 67 -9.37 5.66 4.21
N PRO A 68 -9.15 5.47 5.51
CA PRO A 68 -10.24 5.52 6.48
C PRO A 68 -11.08 6.78 6.33
N GLU A 69 -12.39 6.58 6.20
CA GLU A 69 -13.36 7.68 6.15
CA GLU A 69 -13.39 7.66 6.12
C GLU A 69 -13.34 8.51 4.84
N LYS A 70 -12.53 8.08 3.88
CA LYS A 70 -12.42 8.82 2.62
C LYS A 70 -12.59 7.92 1.42
N PRO A 71 -13.84 7.57 1.15
CA PRO A 71 -14.11 6.65 0.03
C PRO A 71 -13.79 7.19 -1.35
N ASN A 72 -13.56 8.49 -1.44
N ASN A 72 -13.56 8.50 -1.47
CA ASN A 72 -13.21 9.09 -2.74
CA ASN A 72 -13.22 9.06 -2.77
C ASN A 72 -11.73 8.96 -3.05
C ASN A 72 -11.72 8.98 -3.04
N LEU A 73 -10.96 8.48 -2.07
CA LEU A 73 -9.50 8.32 -2.25
C LEU A 73 -9.08 6.86 -2.07
N ILE A 74 -7.86 6.50 -2.47
CA ILE A 74 -7.38 5.13 -2.17
C ILE A 74 -5.86 5.26 -2.04
N TYR A 75 -5.24 4.38 -1.25
CA TYR A 75 -3.76 4.36 -1.18
C TYR A 75 -3.25 3.32 -2.14
N LEU A 76 -2.10 3.57 -2.77
CA LEU A 76 -1.38 2.49 -3.43
C LEU A 76 -0.09 2.38 -2.58
N PHE A 77 0.17 1.18 -2.05
CA PHE A 77 1.25 0.95 -1.08
C PHE A 77 2.21 -0.08 -1.69
N THR A 79 6.21 -1.99 -1.00
CA THR A 79 7.50 -2.13 -0.30
C THR A 79 8.49 -2.65 -1.31
N TYR A 80 9.77 -2.29 -1.15
CA TYR A 80 10.75 -2.58 -2.20
C TYR A 80 12.07 -2.97 -1.57
N THR A 81 12.91 -3.69 -2.29
CA THR A 81 14.18 -4.14 -1.78
C THR A 81 15.23 -3.04 -1.84
N SER A 82 15.17 -2.21 -2.88
CA SER A 82 16.14 -1.13 -3.05
C SER A 82 15.61 -0.19 -4.12
N CYS A 83 16.19 1.02 -4.20
CA CYS A 83 15.73 2.01 -5.18
C CYS A 83 16.97 2.71 -5.71
N GLU A 84 16.75 3.45 -6.79
CA GLU A 84 17.80 4.13 -7.50
C GLU A 84 18.58 5.06 -6.54
N ASP A 85 19.89 4.89 -6.53
CA ASP A 85 20.80 5.67 -5.68
C ASP A 85 20.58 5.48 -4.17
N ASN A 86 19.86 4.41 -3.77
CA ASN A 86 19.66 4.10 -2.37
C ASN A 86 19.12 5.34 -1.62
N LYS A 87 18.23 6.07 -2.28
CA LYS A 87 17.79 7.36 -1.73
C LYS A 87 16.92 7.14 -0.49
N PHE A 88 16.15 6.06 -0.50
CA PHE A 88 15.10 5.83 0.50
C PHE A 88 15.01 4.35 0.84
N SER A 89 14.40 4.04 1.99
CA SER A 89 14.03 2.67 2.36
C SER A 89 12.55 2.52 2.75
N GLU A 90 11.93 3.61 3.25
CA GLU A 90 10.50 3.50 3.64
C GLU A 90 9.60 3.15 2.48
N PRO A 91 8.49 2.45 2.77
CA PRO A 91 7.57 2.05 1.71
C PRO A 91 7.03 3.24 0.90
N VAL A 92 6.77 2.98 -0.37
CA VAL A 92 6.01 3.91 -1.18
C VAL A 92 4.56 3.93 -0.73
N VAL A 93 4.04 5.11 -0.42
CA VAL A 93 2.58 5.20 -0.16
C VAL A 93 2.12 6.42 -0.90
N THR A 95 -1.52 8.54 -2.39
CA THR A 95 -2.95 8.68 -2.32
C THR A 95 -3.44 9.02 -3.73
N LEU A 96 -4.38 8.23 -4.26
CA LEU A 96 -4.99 8.55 -5.53
C LEU A 96 -6.42 9.08 -5.28
N ASN A 97 -6.80 10.11 -6.01
CA ASN A 97 -8.17 10.57 -6.03
C ASN A 97 -8.83 9.76 -7.12
N LYS A 98 -9.89 9.04 -6.76
CA LYS A 98 -10.53 8.12 -7.69
C LYS A 98 -11.04 8.81 -8.93
N GLU A 99 -11.75 9.91 -8.75
CA GLU A 99 -12.35 10.51 -9.94
C GLU A 99 -11.24 11.12 -10.87
N ASN A 100 -10.26 11.73 -10.23
CA ASN A 100 -9.10 12.26 -10.95
C ASN A 100 -8.43 11.16 -11.76
N THR A 101 -8.21 10.01 -11.14
CA THR A 101 -7.55 8.88 -11.81
C THR A 101 -8.36 8.41 -13.00
N LEU A 102 -9.67 8.25 -12.83
CA LEU A 102 -10.55 7.89 -13.98
C LEU A 102 -10.43 8.88 -15.11
N ASN A 103 -10.47 10.16 -14.77
CA ASN A 103 -10.34 11.17 -15.79
C ASN A 103 -9.03 11.07 -16.53
N GLN A 104 -7.90 10.85 -15.82
CA GLN A 104 -6.64 10.71 -16.54
C GLN A 104 -6.59 9.49 -17.43
N PHE A 105 -7.11 8.36 -16.94
CA PHE A 105 -7.18 7.15 -17.76
C PHE A 105 -7.99 7.36 -19.03
N LYS A 106 -9.09 8.12 -18.93
CA LYS A 106 -9.87 8.47 -20.10
C LYS A 106 -9.08 9.33 -21.08
N LYS A 107 -8.30 10.28 -20.56
CA LYS A 107 -7.55 11.19 -21.44
C LYS A 107 -6.45 10.43 -22.14
N LEU A 108 -5.92 9.40 -21.49
CA LEU A 108 -4.88 8.56 -22.09
C LEU A 108 -5.45 7.50 -23.05
N GLY A 109 -6.77 7.45 -23.17
CA GLY A 109 -7.41 6.45 -24.03
C GLY A 109 -7.47 5.04 -23.46
N LEU A 110 -7.24 4.89 -22.16
CA LEU A 110 -7.15 3.55 -21.53
C LEU A 110 -8.56 3.05 -21.15
N LEU A 111 -9.50 3.97 -20.94
CA LEU A 111 -10.89 3.64 -20.61
C LEU A 111 -11.82 4.57 -21.36
N ASP A 112 -12.94 4.03 -21.83
CA ASP A 112 -13.95 4.77 -22.53
C ASP A 112 -14.55 5.86 -21.66
N SER A 113 -14.99 6.93 -22.29
CA SER A 113 -15.49 8.11 -21.59
C SER A 113 -16.74 7.85 -20.74
N ASN A 114 -17.49 6.79 -21.04
CA ASN A 114 -18.68 6.49 -20.24
C ASN A 114 -18.42 5.54 -19.04
N VAL A 115 -17.18 5.16 -18.82
CA VAL A 115 -16.80 4.39 -17.63
C VAL A 115 -16.87 5.28 -16.38
N THR A 116 -17.50 4.75 -15.33
CA THR A 116 -17.69 5.57 -14.12
C THR A 116 -17.13 4.91 -12.85
N ASP A 117 -16.81 3.62 -12.96
CA ASP A 117 -16.38 2.83 -11.81
C ASP A 117 -14.83 2.78 -11.66
N PHE A 118 -14.32 3.37 -10.59
CA PHE A 118 -12.89 3.41 -10.37
C PHE A 118 -12.25 2.04 -10.30
N GLU A 119 -13.03 1.03 -9.95
CA GLU A 119 -12.48 -0.34 -9.93
C GLU A 119 -11.98 -0.79 -11.33
N LYS A 120 -12.46 -0.15 -12.39
CA LYS A 120 -11.89 -0.43 -13.71
C LYS A 120 -10.42 0.06 -13.84
N CYS A 121 -10.10 1.17 -13.17
CA CYS A 121 -8.73 1.66 -13.08
C CYS A 121 -7.85 0.68 -12.29
N VAL A 122 -8.39 0.19 -11.18
CA VAL A 122 -7.63 -0.71 -10.33
C VAL A 122 -7.35 -2.01 -11.14
N GLU A 123 -8.38 -2.55 -11.77
CA GLU A 123 -8.23 -3.71 -12.67
C GLU A 123 -7.15 -3.48 -13.74
N TYR A 124 -7.14 -2.30 -14.38
CA TYR A 124 -6.15 -2.07 -15.43
C TYR A 124 -4.74 -2.09 -14.81
N ILE A 125 -4.60 -1.47 -13.66
CA ILE A 125 -3.25 -1.31 -13.05
C ILE A 125 -2.79 -2.70 -12.57
N ARG A 126 -3.74 -3.50 -12.04
CA ARG A 126 -3.36 -4.83 -11.56
C ARG A 126 -2.99 -5.71 -12.73
N LYS A 127 -3.70 -5.63 -13.85
CA LYS A 127 -3.35 -6.43 -14.99
C LYS A 127 -1.99 -6.00 -15.52
N GLN A 128 -1.70 -4.70 -15.45
N GLN A 128 -1.71 -4.70 -15.45
CA GLN A 128 -0.42 -4.26 -16.00
CA GLN A 128 -0.44 -4.23 -16.00
C GLN A 128 0.76 -4.80 -15.18
C GLN A 128 0.73 -4.82 -15.19
N ALA A 129 0.56 -4.91 -13.88
CA ALA A 129 1.56 -5.51 -12.98
C ALA A 129 1.79 -6.95 -13.40
N ILE A 130 0.73 -7.72 -13.51
CA ILE A 130 0.89 -9.13 -13.91
CA ILE A 130 0.87 -9.13 -13.92
C ILE A 130 1.59 -9.30 -15.27
N LEU A 131 1.26 -8.46 -16.27
CA LEU A 131 1.91 -8.56 -17.58
C LEU A 131 3.43 -8.32 -17.47
N THR A 132 3.82 -7.55 -16.43
CA THR A 132 5.25 -7.23 -16.23
C THR A 132 5.86 -7.99 -15.06
N GLY A 133 5.14 -8.96 -14.53
CA GLY A 133 5.75 -9.93 -13.64
C GLY A 133 5.72 -9.66 -12.15
N PHE A 134 4.78 -8.84 -11.67
CA PHE A 134 4.58 -8.69 -10.24
C PHE A 134 3.11 -8.54 -9.94
N LYS A 135 2.75 -8.39 -8.67
CA LYS A 135 1.36 -8.50 -8.26
C LYS A 135 1.01 -7.28 -7.39
N ILE A 136 -0.13 -6.66 -7.63
CA ILE A 136 -0.65 -5.63 -6.73
C ILE A 136 -2.00 -6.16 -6.22
N SER A 137 -2.13 -6.29 -4.90
N SER A 137 -2.14 -6.33 -4.91
CA SER A 137 -3.34 -6.89 -4.31
CA SER A 137 -3.39 -6.95 -4.40
C SER A 137 -4.47 -5.89 -4.15
C SER A 137 -4.48 -5.91 -4.22
N ASN A 138 -5.69 -6.38 -3.96
CA ASN A 138 -6.83 -5.45 -3.70
C ASN A 138 -7.76 -6.10 -2.70
N PRO A 139 -7.30 -6.29 -1.46
CA PRO A 139 -7.94 -7.14 -0.48
C PRO A 139 -9.26 -6.59 0.01
N PHE A 140 -9.54 -5.31 -0.18
CA PHE A 140 -10.83 -4.79 0.29
C PHE A 140 -11.92 -4.75 -0.77
N VAL A 141 -11.68 -5.31 -1.93
CA VAL A 141 -12.75 -5.48 -2.88
C VAL A 141 -13.01 -6.96 -3.12
N LYS A 152 -11.69 -16.06 -0.90
CA LYS A 152 -12.50 -14.98 -0.36
C LYS A 152 -12.22 -14.81 1.14
N ILE A 153 -11.26 -13.97 1.48
CA ILE A 153 -10.93 -13.74 2.89
C ILE A 153 -11.33 -12.31 3.28
N ASN A 154 -11.80 -12.14 4.52
CA ASN A 154 -12.24 -10.81 4.97
C ASN A 154 -11.14 -9.97 5.60
N SER A 155 -10.70 -8.91 4.93
CA SER A 155 -9.70 -8.04 5.52
C SER A 155 -10.40 -6.93 6.29
N PHE A 156 -9.70 -6.25 7.19
CA PHE A 156 -10.34 -5.17 7.97
C PHE A 156 -9.28 -4.21 8.47
N HIS A 157 -9.67 -3.03 8.90
CA HIS A 157 -8.65 -2.07 9.40
C HIS A 157 -9.27 -1.34 10.58
N LEU A 158 -8.41 -0.79 11.43
CA LEU A 158 -8.90 -0.10 12.61
C LEU A 158 -7.85 0.92 13.04
N GLN A 159 -8.28 1.95 13.77
CA GLN A 159 -7.35 2.94 14.31
C GLN A 159 -6.80 2.50 15.69
N CYS A 160 -5.47 2.64 15.91
CA CYS A 160 -4.90 2.40 17.27
C CYS A 160 -3.62 3.19 17.40
N HIS A 161 -2.91 2.99 18.49
CA HIS A 161 -1.65 3.69 18.71
C HIS A 161 -0.48 2.68 18.77
N ARG A 162 0.69 3.11 18.30
CA ARG A 162 1.96 2.54 18.70
C ARG A 162 2.59 3.64 19.54
N GLY A 163 2.61 3.49 20.86
CA GLY A 163 3.05 4.56 21.74
C GLY A 163 2.18 5.80 21.59
N THR A 164 2.81 6.91 21.25
CA THR A 164 2.10 8.17 21.15
C THR A 164 1.59 8.40 19.74
N LYS A 165 1.94 7.54 18.80
CA LYS A 165 1.54 7.82 17.43
C LYS A 165 0.31 7.05 16.96
N GLU A 166 -0.67 7.79 16.50
CA GLU A 166 -1.86 7.11 16.01
C GLU A 166 -1.59 6.63 14.60
N GLY A 167 -2.28 5.57 14.20
CA GLY A 167 -2.20 5.11 12.84
C GLY A 167 -3.26 4.05 12.55
N THR A 168 -3.20 3.49 11.35
CA THR A 168 -4.20 2.50 10.91
C THR A 168 -3.53 1.15 10.85
N LEU A 169 -4.17 0.17 11.45
CA LEU A 169 -3.64 -1.19 11.45
C LEU A 169 -4.52 -1.94 10.49
N TYR A 170 -3.92 -2.41 9.39
CA TYR A 170 -4.66 -3.19 8.37
C TYR A 170 -4.34 -4.66 8.53
N PHE A 171 -5.38 -5.48 8.59
CA PHE A 171 -5.22 -6.92 8.65
C PHE A 171 -5.59 -7.55 7.30
N LEU A 172 -4.59 -8.01 6.56
CA LEU A 172 -4.76 -8.45 5.18
C LEU A 172 -4.50 -9.96 5.21
N PRO A 173 -4.83 -10.66 4.14
CA PRO A 173 -4.71 -12.13 4.16
C PRO A 173 -3.33 -12.64 4.56
N ASP A 174 -2.25 -12.03 4.08
CA ASP A 174 -0.93 -12.55 4.44
C ASP A 174 -0.03 -11.53 5.17
N HIS A 175 -0.58 -10.39 5.55
CA HIS A 175 0.24 -9.26 6.08
C HIS A 175 -0.55 -8.45 7.06
N ILE A 176 0.16 -7.86 8.01
CA ILE A 176 -0.40 -6.80 8.84
C ILE A 176 0.42 -5.53 8.57
N ILE A 177 -0.26 -4.39 8.38
CA ILE A 177 0.48 -3.14 8.11
C ILE A 177 0.04 -2.12 9.13
N PHE A 178 0.99 -1.39 9.72
CA PHE A 178 0.60 -0.25 10.55
C PHE A 178 1.15 1.01 9.86
N GLY A 179 0.28 1.94 9.50
CA GLY A 179 0.74 3.16 8.82
C GLY A 179 0.02 4.43 9.21
N PHE A 180 0.48 5.59 8.70
CA PHE A 180 1.61 5.61 7.77
C PHE A 180 2.72 6.59 8.20
N LYS A 181 2.83 6.85 9.51
CA LYS A 181 3.95 7.66 10.00
C LYS A 181 5.22 6.78 10.02
N LYS A 182 6.35 7.41 9.80
CA LYS A 182 7.64 6.73 9.80
C LYS A 182 7.89 6.21 11.23
N PRO A 183 8.38 4.97 11.37
CA PRO A 183 8.60 3.97 10.33
C PRO A 183 7.35 3.09 10.13
N ILE A 184 6.99 2.88 8.88
CA ILE A 184 5.81 2.12 8.58
C ILE A 184 6.10 0.66 8.84
N LEU A 185 5.18 -0.05 9.49
CA LEU A 185 5.44 -1.44 9.88
C LEU A 185 4.68 -2.44 8.95
N LEU A 186 5.40 -3.43 8.41
CA LEU A 186 4.74 -4.58 7.70
C LEU A 186 5.25 -5.88 8.33
N LEU A 187 4.32 -6.73 8.74
CA LEU A 187 4.63 -8.03 9.30
C LEU A 187 3.95 -9.04 8.41
N ASP A 188 4.66 -10.13 8.13
CA ASP A 188 4.07 -11.26 7.42
C ASP A 188 3.22 -12.01 8.42
N ALA A 189 1.99 -12.26 8.05
CA ALA A 189 1.08 -12.95 8.96
C ALA A 189 1.63 -14.31 9.50
N SER A 190 2.37 -15.02 8.65
CA SER A 190 2.85 -16.35 9.04
C SER A 190 4.01 -16.26 10.06
N ASP A 191 4.53 -15.05 10.25
CA ASP A 191 5.54 -14.82 11.27
C ASP A 191 5.01 -14.57 12.70
N ILE A 192 3.69 -14.38 12.86
CA ILE A 192 3.12 -14.14 14.17
C ILE A 192 3.10 -15.44 14.96
N GLU A 193 3.67 -15.46 16.17
CA GLU A 193 3.66 -16.66 17.01
C GLU A 193 2.50 -16.62 18.00
N SER A 194 2.25 -15.44 18.56
CA SER A 194 1.26 -15.38 19.63
C SER A 194 0.69 -13.98 19.76
N ILE A 195 -0.46 -13.88 20.45
CA ILE A 195 -0.99 -12.53 20.77
C ILE A 195 -1.28 -12.50 22.26
N THR A 196 -1.03 -11.35 22.89
CA THR A 196 -1.29 -11.19 24.32
C THR A 196 -2.10 -9.91 24.48
N TYR A 197 -3.17 -9.97 25.28
CA TYR A 197 -4.00 -8.80 25.56
C TYR A 197 -3.68 -8.24 26.97
N SER A 198 -3.62 -6.92 27.08
CA SER A 198 -3.30 -6.24 28.33
C SER A 198 -4.04 -4.90 28.37
N SER A 199 -3.94 -4.23 29.52
CA SER A 199 -4.63 -2.95 29.75
CA SER A 199 -4.62 -2.94 29.71
C SER A 199 -6.07 -3.07 29.27
N ILE A 200 -6.73 -4.15 29.70
CA ILE A 200 -8.07 -4.45 29.26
C ILE A 200 -9.09 -3.66 30.05
N THR A 201 -9.87 -2.83 29.35
CA THR A 201 -10.87 -2.06 30.02
C THR A 201 -12.12 -2.14 29.22
N ARG A 202 -13.14 -1.54 29.76
CA ARG A 202 -14.45 -1.56 29.17
C ARG A 202 -14.43 -1.21 27.72
N LEU A 203 -13.78 -0.11 27.34
CA LEU A 203 -13.81 0.37 25.95
C LEU A 203 -12.64 -0.01 25.07
N THR A 204 -11.50 -0.42 25.65
CA THR A 204 -10.29 -0.59 24.87
C THR A 204 -9.41 -1.64 25.45
N PHE A 205 -8.48 -2.12 24.64
CA PHE A 205 -7.47 -3.04 25.14
C PHE A 205 -6.18 -2.79 24.35
N ASN A 206 -5.07 -3.34 24.85
CA ASN A 206 -3.82 -3.35 24.11
C ASN A 206 -3.54 -4.77 23.64
N ALA A 207 -2.95 -4.90 22.47
CA ALA A 207 -2.56 -6.23 21.96
C ALA A 207 -1.08 -6.22 21.65
N SER A 208 -0.38 -7.26 22.04
CA SER A 208 1.02 -7.42 21.70
C SER A 208 1.21 -8.68 20.87
N LEU A 209 1.67 -8.50 19.63
CA LEU A 209 1.99 -9.56 18.70
C LEU A 209 3.45 -9.92 18.85
N VAL A 210 3.75 -11.18 19.11
CA VAL A 210 5.13 -11.62 19.20
C VAL A 210 5.39 -12.44 17.95
N THR A 211 6.50 -12.17 17.27
CA THR A 211 6.81 -12.92 16.06
C THR A 211 7.75 -14.09 16.38
N LYS A 212 7.97 -14.93 15.36
CA LYS A 212 8.84 -16.11 15.50
C LYS A 212 10.27 -15.77 15.99
N ASP A 213 10.75 -14.58 15.63
CA ASP A 213 12.13 -14.16 15.96
C ASP A 213 12.18 -13.58 17.39
N GLY A 214 11.02 -13.50 18.04
CA GLY A 214 10.97 -13.15 19.45
C GLY A 214 10.61 -11.69 19.67
N GLU A 215 10.45 -10.96 18.57
CA GLU A 215 10.10 -9.53 18.63
C GLU A 215 8.67 -9.30 19.07
N LYS A 216 8.46 -8.26 19.88
CA LYS A 216 7.10 -7.98 20.37
C LYS A 216 6.65 -6.62 19.82
N TYR A 217 5.46 -6.57 19.19
CA TYR A 217 4.91 -5.33 18.66
C TYR A 217 3.63 -4.98 19.42
N GLU A 218 3.65 -3.89 20.19
CA GLU A 218 2.52 -3.55 21.05
CA GLU A 218 2.48 -3.58 21.03
C GLU A 218 1.66 -2.47 20.38
N PHE A 219 0.36 -2.73 20.23
CA PHE A 219 -0.62 -1.75 19.71
C PHE A 219 -1.57 -1.41 20.85
N SER A 220 -1.83 -0.15 21.14
CA SER A 220 -2.61 0.18 22.34
C SER A 220 -3.88 0.95 21.94
N ILE A 222 -6.91 -0.05 21.36
CA ILE A 222 -7.72 -0.65 20.29
C ILE A 222 -9.15 -0.75 20.83
N ASP A 223 -10.16 -0.39 20.02
CA ASP A 223 -11.54 -0.54 20.47
C ASP A 223 -11.92 -1.97 20.83
N GLN A 224 -12.67 -2.14 21.94
CA GLN A 224 -13.14 -3.48 22.34
C GLN A 224 -13.89 -4.17 21.21
N THR A 225 -14.62 -3.41 20.38
CA THR A 225 -15.36 -4.03 19.26
C THR A 225 -14.50 -4.80 18.27
N GLU A 226 -13.17 -4.55 18.29
CA GLU A 226 -12.26 -5.20 17.34
C GLU A 226 -11.69 -6.50 17.85
N TYR A 227 -11.94 -6.86 19.11
CA TYR A 227 -11.32 -8.02 19.68
C TYR A 227 -11.58 -9.31 18.90
N ALA A 228 -12.85 -9.56 18.62
CA ALA A 228 -13.19 -10.81 17.96
C ALA A 228 -12.45 -10.97 16.64
N LYS A 229 -12.45 -9.96 15.77
CA LYS A 229 -11.79 -10.09 14.49
C LYS A 229 -10.27 -10.30 14.62
N ILE A 230 -9.65 -9.61 15.57
CA ILE A 230 -8.20 -9.75 15.76
C ILE A 230 -7.88 -11.12 16.33
N ASP A 231 -8.65 -11.56 17.32
CA ASP A 231 -8.37 -12.86 17.90
C ASP A 231 -8.58 -13.99 16.85
N ASP A 232 -9.65 -13.88 16.07
CA ASP A 232 -9.88 -14.81 14.98
C ASP A 232 -8.70 -14.76 13.97
N TYR A 233 -8.23 -13.56 13.65
CA TYR A 233 -7.19 -13.40 12.64
C TYR A 233 -5.92 -14.16 13.02
N VAL A 234 -5.49 -13.98 14.27
CA VAL A 234 -4.28 -14.65 14.75
C VAL A 234 -4.38 -16.16 14.83
N LYS A 235 -5.60 -16.66 15.03
CA LYS A 235 -5.83 -18.10 15.11
C LYS A 235 -6.07 -18.72 13.74
N ARG A 236 -6.17 -17.91 12.71
CA ARG A 236 -6.41 -18.48 11.38
C ARG A 236 -5.41 -19.60 11.06
N LYS A 237 -5.93 -20.75 10.66
CA LYS A 237 -5.10 -21.92 10.39
C LYS A 237 -4.74 -21.98 8.91
#